data_6G8E
# 
_entry.id   6G8E 
# 
_audit_conform.dict_name       mmcif_pdbx.dic 
_audit_conform.dict_version    5.391 
_audit_conform.dict_location   http://mmcif.pdb.org/dictionaries/ascii/mmcif_pdbx.dic 
# 
loop_
_database_2.database_id 
_database_2.database_code 
_database_2.pdbx_database_accession 
_database_2.pdbx_DOI 
PDB   6G8E         pdb_00006g8e 10.2210/pdb6g8e/pdb 
WWPDB D_1200009573 ?            ?                   
# 
loop_
_pdbx_audit_revision_history.ordinal 
_pdbx_audit_revision_history.data_content_type 
_pdbx_audit_revision_history.major_revision 
_pdbx_audit_revision_history.minor_revision 
_pdbx_audit_revision_history.revision_date 
1 'Structure model' 1 0 2019-04-24 
2 'Structure model' 1 1 2019-10-23 
3 'Structure model' 1 2 2019-12-25 
4 'Structure model' 1 3 2024-05-01 
# 
_pdbx_audit_revision_details.ordinal             1 
_pdbx_audit_revision_details.revision_ordinal    1 
_pdbx_audit_revision_details.data_content_type   'Structure model' 
_pdbx_audit_revision_details.provider            repository 
_pdbx_audit_revision_details.type                'Initial release' 
_pdbx_audit_revision_details.description         ? 
_pdbx_audit_revision_details.details             ? 
# 
loop_
_pdbx_audit_revision_group.ordinal 
_pdbx_audit_revision_group.revision_ordinal 
_pdbx_audit_revision_group.data_content_type 
_pdbx_audit_revision_group.group 
1 2 'Structure model' 'Data collection'        
2 2 'Structure model' 'Database references'    
3 3 'Structure model' 'Data collection'        
4 4 'Structure model' 'Data collection'        
5 4 'Structure model' 'Database references'    
6 4 'Structure model' 'Refinement description' 
# 
loop_
_pdbx_audit_revision_category.ordinal 
_pdbx_audit_revision_category.revision_ordinal 
_pdbx_audit_revision_category.data_content_type 
_pdbx_audit_revision_category.category 
1 2 'Structure model' citation                      
2 2 'Structure model' citation_author               
3 3 'Structure model' reflns_shell                  
4 4 'Structure model' chem_comp_atom                
5 4 'Structure model' chem_comp_bond                
6 4 'Structure model' database_2                    
7 4 'Structure model' pdbx_initial_refinement_model 
# 
loop_
_pdbx_audit_revision_item.ordinal 
_pdbx_audit_revision_item.revision_ordinal 
_pdbx_audit_revision_item.data_content_type 
_pdbx_audit_revision_item.item 
1  2 'Structure model' '_citation.country'                   
2  2 'Structure model' '_citation.journal_abbrev'            
3  2 'Structure model' '_citation.journal_id_CSD'            
4  2 'Structure model' '_citation.journal_id_ISSN'           
5  2 'Structure model' '_citation.journal_volume'            
6  2 'Structure model' '_citation.page_first'                
7  2 'Structure model' '_citation.page_last'                 
8  2 'Structure model' '_citation.pdbx_database_id_DOI'      
9  2 'Structure model' '_citation.pdbx_database_id_PubMed'   
10 2 'Structure model' '_citation.title'                     
11 2 'Structure model' '_citation.year'                      
12 3 'Structure model' '_reflns_shell.percent_possible_all'  
13 4 'Structure model' '_database_2.pdbx_DOI'                
14 4 'Structure model' '_database_2.pdbx_database_accession' 
# 
_pdbx_database_status.status_code                     REL 
_pdbx_database_status.status_code_sf                  REL 
_pdbx_database_status.status_code_mr                  ? 
_pdbx_database_status.entry_id                        6G8E 
_pdbx_database_status.recvd_initial_deposition_date   2018-04-08 
_pdbx_database_status.SG_entry                        N 
_pdbx_database_status.deposit_site                    PDBE 
_pdbx_database_status.process_site                    PDBE 
_pdbx_database_status.status_code_cs                  ? 
_pdbx_database_status.methods_development_category    ? 
_pdbx_database_status.pdb_format_compatible           Y 
_pdbx_database_status.status_code_nmr_data            ? 
# 
loop_
_audit_author.name 
_audit_author.pdbx_ordinal 
_audit_author.identifier_ORCID 
'Landau, M.' 1 0000-0002-1743-3430 
'Perov, S.'  2 ?                   
# 
_citation.abstract                  ? 
_citation.abstract_id_CAS           ? 
_citation.book_id_ISBN              ? 
_citation.book_publisher            ? 
_citation.book_publisher_city       ? 
_citation.book_title                ? 
_citation.coordinate_linkage        ? 
_citation.country                   US 
_citation.database_id_Medline       ? 
_citation.details                   ? 
_citation.id                        primary 
_citation.journal_abbrev            'Plos Pathog.' 
_citation.journal_id_ASTM           ? 
_citation.journal_id_CSD            ? 
_citation.journal_id_ISSN           1553-7374 
_citation.journal_full              ? 
_citation.journal_issue             ? 
_citation.journal_volume            15 
_citation.language                  ? 
_citation.page_first                e1007978 
_citation.page_last                 e1007978 
_citation.title                     
;Structural Insights into Curli CsgA Cross-beta Fibril Architecture Inspire Repurposing of Anti-amyloid Compounds as Anti-biofilm Agents.
;
_citation.year                      2019 
_citation.database_id_CSD           ? 
_citation.pdbx_database_id_DOI      10.1371/journal.ppat.1007978 
_citation.pdbx_database_id_PubMed   31469892 
_citation.unpublished_flag          ? 
# 
loop_
_citation_author.citation_id 
_citation_author.name 
_citation_author.ordinal 
_citation_author.identifier_ORCID 
primary 'Perov, S.'           1 ?                   
primary 'Lidor, O.'           2 0000-0001-6392-4647 
primary 'Salinas, N.'         3 0000-0002-3511-2243 
primary 'Golan, N.'           4 0000-0001-5064-0776 
primary 'Tayeb-Fligelman, E.' 5 ?                   
primary 'Deshmukh, M.'        6 0000-0002-3704-3229 
primary 'Willbold, D.'        7 0000-0002-0065-7366 
primary 'Landau, M.'          8 0000-0002-1743-3430 
# 
loop_
_entity.id 
_entity.type 
_entity.src_method 
_entity.pdbx_description 
_entity.formula_weight 
_entity.pdbx_number_of_molecules 
_entity.pdbx_ec 
_entity.pdbx_mutation 
_entity.pdbx_fragment 
_entity.details 
1 polymer syn 'Major curlin subunit' 649.735 2 ? ? 'Amyloid spine segment VTQVGF from CsgA (residues 137-142) secreted by E. coli' 
? 
2 water   nat water                  18.015  6 ? ? ?                                                                               
? 
# 
_entity_poly.entity_id                      1 
_entity_poly.type                           'polypeptide(L)' 
_entity_poly.nstd_linkage                   no 
_entity_poly.nstd_monomer                   no 
_entity_poly.pdbx_seq_one_letter_code       VTQVGF 
_entity_poly.pdbx_seq_one_letter_code_can   VTQVGF 
_entity_poly.pdbx_strand_id                 B,A 
_entity_poly.pdbx_target_identifier         ? 
# 
_pdbx_entity_nonpoly.entity_id   2 
_pdbx_entity_nonpoly.name        water 
_pdbx_entity_nonpoly.comp_id     HOH 
# 
loop_
_entity_poly_seq.entity_id 
_entity_poly_seq.num 
_entity_poly_seq.mon_id 
_entity_poly_seq.hetero 
1 1 VAL n 
1 2 THR n 
1 3 GLN n 
1 4 VAL n 
1 5 GLY n 
1 6 PHE n 
# 
_pdbx_entity_src_syn.entity_id              1 
_pdbx_entity_src_syn.pdbx_src_id            1 
_pdbx_entity_src_syn.pdbx_alt_source_flag   sample 
_pdbx_entity_src_syn.pdbx_beg_seq_num       1 
_pdbx_entity_src_syn.pdbx_end_seq_num       6 
_pdbx_entity_src_syn.organism_scientific    'Escherichia coli K-12' 
_pdbx_entity_src_syn.organism_common_name   ? 
_pdbx_entity_src_syn.ncbi_taxonomy_id       83333 
_pdbx_entity_src_syn.details                'VTQVGF from CsgA, synthesized' 
# 
loop_
_chem_comp.id 
_chem_comp.type 
_chem_comp.mon_nstd_flag 
_chem_comp.name 
_chem_comp.pdbx_synonyms 
_chem_comp.formula 
_chem_comp.formula_weight 
GLN 'L-peptide linking' y GLUTAMINE     ? 'C5 H10 N2 O3' 146.144 
GLY 'peptide linking'   y GLYCINE       ? 'C2 H5 N O2'   75.067  
HOH non-polymer         . WATER         ? 'H2 O'         18.015  
PHE 'L-peptide linking' y PHENYLALANINE ? 'C9 H11 N O2'  165.189 
THR 'L-peptide linking' y THREONINE     ? 'C4 H9 N O3'   119.119 
VAL 'L-peptide linking' y VALINE        ? 'C5 H11 N O2'  117.146 
# 
loop_
_pdbx_poly_seq_scheme.asym_id 
_pdbx_poly_seq_scheme.entity_id 
_pdbx_poly_seq_scheme.seq_id 
_pdbx_poly_seq_scheme.mon_id 
_pdbx_poly_seq_scheme.ndb_seq_num 
_pdbx_poly_seq_scheme.pdb_seq_num 
_pdbx_poly_seq_scheme.auth_seq_num 
_pdbx_poly_seq_scheme.pdb_mon_id 
_pdbx_poly_seq_scheme.auth_mon_id 
_pdbx_poly_seq_scheme.pdb_strand_id 
_pdbx_poly_seq_scheme.pdb_ins_code 
_pdbx_poly_seq_scheme.hetero 
A 1 1 VAL 1 1 1 VAL VAL B . n 
A 1 2 THR 2 2 2 THR THR B . n 
A 1 3 GLN 3 3 3 GLN GLN B . n 
A 1 4 VAL 4 4 4 VAL VAL B . n 
A 1 5 GLY 5 5 5 GLY GLY B . n 
A 1 6 PHE 6 6 6 PHE PHE B . n 
B 1 1 VAL 1 1 1 VAL VAL A . n 
B 1 2 THR 2 2 2 THR THR A . n 
B 1 3 GLN 3 3 3 GLN GLN A . n 
B 1 4 VAL 4 4 4 VAL VAL A . n 
B 1 5 GLY 5 5 5 GLY GLY A . n 
B 1 6 PHE 6 6 6 PHE PHE A . n 
# 
loop_
_pdbx_nonpoly_scheme.asym_id 
_pdbx_nonpoly_scheme.entity_id 
_pdbx_nonpoly_scheme.mon_id 
_pdbx_nonpoly_scheme.ndb_seq_num 
_pdbx_nonpoly_scheme.pdb_seq_num 
_pdbx_nonpoly_scheme.auth_seq_num 
_pdbx_nonpoly_scheme.pdb_mon_id 
_pdbx_nonpoly_scheme.auth_mon_id 
_pdbx_nonpoly_scheme.pdb_strand_id 
_pdbx_nonpoly_scheme.pdb_ins_code 
C 2 HOH 1 101 1 HOH HOH B . 
C 2 HOH 2 102 2 HOH HOH B . 
C 2 HOH 3 103 4 HOH HOH B . 
D 2 HOH 1 101 3 HOH HOH A . 
D 2 HOH 2 102 6 HOH HOH A . 
D 2 HOH 3 103 5 HOH HOH A . 
# 
loop_
_software.citation_id 
_software.classification 
_software.compiler_name 
_software.compiler_version 
_software.contact_author 
_software.contact_author_email 
_software.date 
_software.description 
_software.dependencies 
_software.hardware 
_software.language 
_software.location 
_software.mods 
_software.name 
_software.os 
_software.os_version 
_software.type 
_software.version 
_software.pdbx_ordinal 
? 'data reduction'  ? ? 'Wolfgang Kabsch'    Wolfgang.Kabsch@mpimf-heidelberg.mpg.de ?              ? ? ? ?          
http://www.mpimf-heidelberg.mpg.de/~kabsch/xds/                             ? XDS         ? ? package .    1 
? 'data scaling'    ? ? 'Wolfgang Kabsch'    ?                                       ?              ? ? ? ?          
http://www.mpimf-heidelberg.mpg.de/~kabsch/xds/html_doc/xscale_program.html ? XSCALE      ? ? package .    2 
? phasing           ? ? 'Randy J. Read'      cimr-phaser@lists.cam.ac.uk             ?              ? ? ? ?          
http://www-structmed.cimr.cam.ac.uk/phaser/                                 ? PHASER      ? ? program .    3 
? refinement        ? ? 'Garib N. Murshudov' garib@ysbl.york.ac.uk                   ?              ? ? ? Fortran_77 
http://www.ccp4.ac.uk/dist/html/refmac5.html                                ? REFMAC      ? ? program .    4 
? 'data extraction' ? ? PDB                  deposit@deposit.rcsb.org                'Sep. 1, 2017' ? ? ? C++        
http://sw-tools.pdb.org/apps/PDB_EXTRACT/                                   ? PDB_EXTRACT ? ? package 3.24 5 
# 
_cell.angle_alpha                  65.820 
_cell.angle_alpha_esd              ? 
_cell.angle_beta                   83.720 
_cell.angle_beta_esd               ? 
_cell.angle_gamma                  83.200 
_cell.angle_gamma_esd              ? 
_cell.entry_id                     6G8E 
_cell.details                      ? 
_cell.formula_units_Z              ? 
_cell.length_a                     4.810 
_cell.length_a_esd                 ? 
_cell.length_b                     19.340 
_cell.length_b_esd                 ? 
_cell.length_c                     21.900 
_cell.length_c_esd                 ? 
_cell.volume                       ? 
_cell.volume_esd                   ? 
_cell.Z_PDB                        2 
_cell.reciprocal_angle_alpha       ? 
_cell.reciprocal_angle_beta        ? 
_cell.reciprocal_angle_gamma       ? 
_cell.reciprocal_angle_alpha_esd   ? 
_cell.reciprocal_angle_beta_esd    ? 
_cell.reciprocal_angle_gamma_esd   ? 
_cell.reciprocal_length_a          ? 
_cell.reciprocal_length_b          ? 
_cell.reciprocal_length_c          ? 
_cell.reciprocal_length_a_esd      ? 
_cell.reciprocal_length_b_esd      ? 
_cell.reciprocal_length_c_esd      ? 
_cell.pdbx_unique_axis             ? 
# 
_symmetry.entry_id                         6G8E 
_symmetry.cell_setting                     ? 
_symmetry.Int_Tables_number                1 
_symmetry.space_group_name_Hall            ? 
_symmetry.space_group_name_H-M             'P 1' 
_symmetry.pdbx_full_space_group_name_H-M   ? 
# 
_exptl.absorpt_coefficient_mu     ? 
_exptl.absorpt_correction_T_max   ? 
_exptl.absorpt_correction_T_min   ? 
_exptl.absorpt_correction_type    ? 
_exptl.absorpt_process_details    ? 
_exptl.entry_id                   6G8E 
_exptl.crystals_number            1 
_exptl.details                    ? 
_exptl.method                     'X-RAY DIFFRACTION' 
_exptl.method_details             ? 
# 
_exptl_crystal.colour                      ? 
_exptl_crystal.density_diffrn              ? 
_exptl_crystal.density_Matthews            1.42 
_exptl_crystal.density_method              ? 
_exptl_crystal.density_percent_sol         13.14 
_exptl_crystal.description                 Needle-like 
_exptl_crystal.F_000                       ? 
_exptl_crystal.id                          1 
_exptl_crystal.preparation                 ? 
_exptl_crystal.size_max                    ? 
_exptl_crystal.size_mid                    ? 
_exptl_crystal.size_min                    ? 
_exptl_crystal.size_rad                    ? 
_exptl_crystal.colour_lustre               ? 
_exptl_crystal.colour_modifier             ? 
_exptl_crystal.colour_primary              ? 
_exptl_crystal.density_meas                ? 
_exptl_crystal.density_meas_esd            ? 
_exptl_crystal.density_meas_gt             ? 
_exptl_crystal.density_meas_lt             ? 
_exptl_crystal.density_meas_temp           ? 
_exptl_crystal.density_meas_temp_esd       ? 
_exptl_crystal.density_meas_temp_gt        ? 
_exptl_crystal.density_meas_temp_lt        ? 
_exptl_crystal.pdbx_crystal_image_url      ? 
_exptl_crystal.pdbx_crystal_image_format   ? 
_exptl_crystal.pdbx_mosaicity              ? 
_exptl_crystal.pdbx_mosaicity_esd          ? 
# 
_exptl_crystal_grow.apparatus       ? 
_exptl_crystal_grow.atmosphere      ? 
_exptl_crystal_grow.crystal_id      1 
_exptl_crystal_grow.details         ? 
_exptl_crystal_grow.method          'VAPOR DIFFUSION, HANGING DROP' 
_exptl_crystal_grow.method_ref      ? 
_exptl_crystal_grow.pH              ? 
_exptl_crystal_grow.pressure        ? 
_exptl_crystal_grow.pressure_esd    ? 
_exptl_crystal_grow.seeding         ? 
_exptl_crystal_grow.seeding_ref     ? 
_exptl_crystal_grow.temp            293 
_exptl_crystal_grow.temp_details    ? 
_exptl_crystal_grow.temp_esd        ? 
_exptl_crystal_grow.time            ? 
_exptl_crystal_grow.pdbx_details    'Reservoir contained 3.0 M Sodium chloride and 0.1 M BIS-Tris pH 5.5' 
_exptl_crystal_grow.pdbx_pH_range   ? 
# 
_diffrn.ambient_environment    ? 
_diffrn.ambient_temp           100 
_diffrn.ambient_temp_details   ? 
_diffrn.ambient_temp_esd       ? 
_diffrn.crystal_id             1 
_diffrn.crystal_support        ? 
_diffrn.crystal_treatment      ? 
_diffrn.details                ? 
_diffrn.id                     1 
_diffrn.ambient_pressure       ? 
_diffrn.ambient_pressure_esd   ? 
_diffrn.ambient_pressure_gt    ? 
_diffrn.ambient_pressure_lt    ? 
_diffrn.ambient_temp_gt        ? 
_diffrn.ambient_temp_lt        ? 
# 
_diffrn_detector.details                      ? 
_diffrn_detector.detector                     PIXEL 
_diffrn_detector.diffrn_id                    1 
_diffrn_detector.type                         'DECTRIS PILATUS3 2M' 
_diffrn_detector.area_resol_mean              ? 
_diffrn_detector.dtime                        ? 
_diffrn_detector.pdbx_frames_total            ? 
_diffrn_detector.pdbx_collection_time_total   ? 
_diffrn_detector.pdbx_collection_date         2015-09-06 
# 
_diffrn_radiation.collimation                      ? 
_diffrn_radiation.diffrn_id                        1 
_diffrn_radiation.filter_edge                      ? 
_diffrn_radiation.inhomogeneity                    ? 
_diffrn_radiation.monochromator                    ? 
_diffrn_radiation.polarisn_norm                    ? 
_diffrn_radiation.polarisn_ratio                   ? 
_diffrn_radiation.probe                            ? 
_diffrn_radiation.type                             ? 
_diffrn_radiation.xray_symbol                      ? 
_diffrn_radiation.wavelength_id                    1 
_diffrn_radiation.pdbx_monochromatic_or_laue_m_l   M 
_diffrn_radiation.pdbx_wavelength_list             ? 
_diffrn_radiation.pdbx_wavelength                  ? 
_diffrn_radiation.pdbx_diffrn_protocol             'SINGLE WAVELENGTH' 
_diffrn_radiation.pdbx_analyzer                    ? 
_diffrn_radiation.pdbx_scattering_type             x-ray 
# 
_diffrn_radiation_wavelength.id           1 
_diffrn_radiation_wavelength.wavelength   0.8729 
_diffrn_radiation_wavelength.wt           1.0 
# 
_diffrn_source.current                     ? 
_diffrn_source.details                     ? 
_diffrn_source.diffrn_id                   1 
_diffrn_source.power                       ? 
_diffrn_source.size                        ? 
_diffrn_source.source                      SYNCHROTRON 
_diffrn_source.target                      ? 
_diffrn_source.type                        'ESRF BEAMLINE ID23-2' 
_diffrn_source.voltage                     ? 
_diffrn_source.take-off_angle              ? 
_diffrn_source.pdbx_wavelength_list        0.8729 
_diffrn_source.pdbx_wavelength             ? 
_diffrn_source.pdbx_synchrotron_beamline   ID23-2 
_diffrn_source.pdbx_synchrotron_site       ESRF 
# 
_reflns.B_iso_Wilson_estimate            16.637 
_reflns.entry_id                         6G8E 
_reflns.data_reduction_details           ? 
_reflns.data_reduction_method            ? 
_reflns.d_resolution_high                1.700 
_reflns.d_resolution_low                 19.930 
_reflns.details                          ? 
_reflns.limit_h_max                      ? 
_reflns.limit_h_min                      ? 
_reflns.limit_k_max                      ? 
_reflns.limit_k_min                      ? 
_reflns.limit_l_max                      ? 
_reflns.limit_l_min                      ? 
_reflns.number_all                       ? 
_reflns.number_obs                       776 
_reflns.observed_criterion               ? 
_reflns.observed_criterion_F_max         ? 
_reflns.observed_criterion_F_min         ? 
_reflns.observed_criterion_I_max         ? 
_reflns.observed_criterion_I_min         ? 
_reflns.observed_criterion_sigma_F       ? 
_reflns.observed_criterion_sigma_I       ? 
_reflns.percent_possible_obs             98.400 
_reflns.R_free_details                   ? 
_reflns.Rmerge_F_all                     ? 
_reflns.Rmerge_F_obs                     ? 
_reflns.Friedel_coverage                 ? 
_reflns.number_gt                        ? 
_reflns.threshold_expression             ? 
_reflns.pdbx_redundancy                  6.923 
_reflns.pdbx_Rmerge_I_obs                0.275 
_reflns.pdbx_Rmerge_I_all                ? 
_reflns.pdbx_Rsym_value                  ? 
_reflns.pdbx_netI_over_av_sigmaI         ? 
_reflns.pdbx_netI_over_sigmaI            5.020 
_reflns.pdbx_res_netI_over_av_sigmaI_2   ? 
_reflns.pdbx_res_netI_over_sigmaI_2      ? 
_reflns.pdbx_chi_squared                 0.849 
_reflns.pdbx_scaling_rejects             ? 
_reflns.pdbx_d_res_high_opt              ? 
_reflns.pdbx_d_res_low_opt               ? 
_reflns.pdbx_d_res_opt_method            ? 
_reflns.phase_calculation_details        ? 
_reflns.pdbx_Rrim_I_all                  0.298 
_reflns.pdbx_Rpim_I_all                  ? 
_reflns.pdbx_d_opt                       ? 
_reflns.pdbx_number_measured_all         5372 
_reflns.pdbx_diffrn_id                   1 
_reflns.pdbx_ordinal                     1 
_reflns.pdbx_CC_half                     0.979 
_reflns.pdbx_R_split                     ? 
# 
loop_
_reflns_shell.d_res_high 
_reflns_shell.d_res_low 
_reflns_shell.meanI_over_sigI_all 
_reflns_shell.meanI_over_sigI_obs 
_reflns_shell.number_measured_all 
_reflns_shell.number_measured_obs 
_reflns_shell.number_possible 
_reflns_shell.number_unique_all 
_reflns_shell.number_unique_obs 
_reflns_shell.percent_possible_all 
_reflns_shell.percent_possible_obs 
_reflns_shell.Rmerge_F_all 
_reflns_shell.Rmerge_F_obs 
_reflns_shell.Rmerge_I_all 
_reflns_shell.Rmerge_I_obs 
_reflns_shell.meanI_over_sigI_gt 
_reflns_shell.meanI_over_uI_all 
_reflns_shell.meanI_over_uI_gt 
_reflns_shell.number_measured_gt 
_reflns_shell.number_unique_gt 
_reflns_shell.percent_possible_gt 
_reflns_shell.Rmerge_F_gt 
_reflns_shell.Rmerge_I_gt 
_reflns_shell.pdbx_redundancy 
_reflns_shell.pdbx_Rsym_value 
_reflns_shell.pdbx_chi_squared 
_reflns_shell.pdbx_netI_over_sigmaI_all 
_reflns_shell.pdbx_netI_over_sigmaI_obs 
_reflns_shell.pdbx_Rrim_I_all 
_reflns_shell.pdbx_Rpim_I_all 
_reflns_shell.pdbx_rejects 
_reflns_shell.pdbx_ordinal 
_reflns_shell.pdbx_diffrn_id 
_reflns_shell.pdbx_CC_half 
_reflns_shell.pdbx_R_split 
1.700 1.820  ? 3.180 ? ? ? ? 136 99.300  ? ? ? ? 0.442 ? ? ? ? ? ? ? ? 6.522 ? ? ? ? 0.481 ? ? 1 1 0.904 ? 
1.820 1.960  ? 4.560 ? ? ? ? 127 100.000 ? ? ? ? 0.349 ? ? ? ? ? ? ? ? 7.260 ? ? ? ? 0.376 ? ? 2 1 0.950 ? 
1.960 2.150  ? 4.640 ? ? ? ? 131 98.500  ? ? ? ? 0.330 ? ? ? ? ? ? ? ? 7.740 ? ? ? ? 0.354 ? ? 3 1 0.931 ? 
2.150 2.400  ? 5.410 ? ? ? ? 122 93.100  ? ? ? ? 0.290 ? ? ? ? ? ? ? ? 6.426 ? ? ? ? 0.315 ? ? 4 1 0.966 ? 
2.400 2.780  ? 5.400 ? ? ? ? 79  100     ? ? ? ? 0.256 ? ? ? ? ? ? ? ? 6.646 ? ? ? ? 0.279 ? ? 5 1 0.981 ? 
2.780 3.400  ? 6.060 ? ? ? ? 77  98.700  ? ? ? ? 0.275 ? ? ? ? ? ? ? ? 7.156 ? ? ? ? 0.298 ? ? 6 1 0.963 ? 
3.400 4.810  ? 7.050 ? ? ? ? 79  98.800  ? ? ? ? 0.232 ? ? ? ? ? ? ? ? 6.532 ? ? ? ? 0.253 ? ? 7 1 0.976 ? 
4.810 19.930 ? 6.730 ? ? ? ? 25  100.000 ? ? ? ? 0.211 ? ? ? ? ? ? ? ? 6.920 ? ? ? ? 0.228 ? ? 8 1 0.987 ? 
# 
_refine.aniso_B[1][1]                            0.8900 
_refine.aniso_B[1][2]                            0.0300 
_refine.aniso_B[1][3]                            0.1400 
_refine.aniso_B[2][2]                            -0.2000 
_refine.aniso_B[2][3]                            -0.3600 
_refine.aniso_B[3][3]                            -0.5800 
_refine.B_iso_max                                45.210 
_refine.B_iso_mean                               9.4700 
_refine.B_iso_min                                6.370 
_refine.correlation_coeff_Fo_to_Fc               0.9810 
_refine.correlation_coeff_Fo_to_Fc_free          0.9810 
_refine.details                                  
'HYDROGENS HAVE BEEN ADDED IN THE RIDING POSITIONS U VALUES      : REFINED INDIVIDUALLY' 
_refine.diff_density_max                         ? 
_refine.diff_density_max_esd                     ? 
_refine.diff_density_min                         ? 
_refine.diff_density_min_esd                     ? 
_refine.diff_density_rms                         ? 
_refine.diff_density_rms_esd                     ? 
_refine.entry_id                                 6G8E 
_refine.pdbx_refine_id                           'X-RAY DIFFRACTION' 
_refine.ls_abs_structure_details                 ? 
_refine.ls_abs_structure_Flack                   ? 
_refine.ls_abs_structure_Flack_esd               ? 
_refine.ls_abs_structure_Rogers                  ? 
_refine.ls_abs_structure_Rogers_esd              ? 
_refine.ls_d_res_high                            1.7000 
_refine.ls_d_res_low                             19.9300 
_refine.ls_extinction_coef                       ? 
_refine.ls_extinction_coef_esd                   ? 
_refine.ls_extinction_expression                 ? 
_refine.ls_extinction_method                     ? 
_refine.ls_goodness_of_fit_all                   ? 
_refine.ls_goodness_of_fit_all_esd               ? 
_refine.ls_goodness_of_fit_obs                   ? 
_refine.ls_goodness_of_fit_obs_esd               ? 
_refine.ls_hydrogen_treatment                    ? 
_refine.ls_matrix_type                           ? 
_refine.ls_number_constraints                    ? 
_refine.ls_number_parameters                     ? 
_refine.ls_number_reflns_all                     ? 
_refine.ls_number_reflns_obs                     698 
_refine.ls_number_reflns_R_free                  78 
_refine.ls_number_reflns_R_work                  ? 
_refine.ls_number_restraints                     ? 
_refine.ls_percent_reflns_obs                    98.9800 
_refine.ls_percent_reflns_R_free                 10.1000 
_refine.ls_R_factor_all                          ? 
_refine.ls_R_factor_obs                          0.1235 
_refine.ls_R_factor_R_free                       0.1320 
_refine.ls_R_factor_R_free_error                 ? 
_refine.ls_R_factor_R_free_error_details         ? 
_refine.ls_R_factor_R_work                       0.1226 
_refine.ls_R_Fsqd_factor_obs                     ? 
_refine.ls_R_I_factor_obs                        ? 
_refine.ls_redundancy_reflns_all                 ? 
_refine.ls_redundancy_reflns_obs                 ? 
_refine.ls_restrained_S_all                      ? 
_refine.ls_restrained_S_obs                      ? 
_refine.ls_shift_over_esd_max                    ? 
_refine.ls_shift_over_esd_mean                   ? 
_refine.ls_structure_factor_coef                 ? 
_refine.ls_weighting_details                     ? 
_refine.ls_weighting_scheme                      ? 
_refine.ls_wR_factor_all                         ? 
_refine.ls_wR_factor_obs                         ? 
_refine.ls_wR_factor_R_free                      ? 
_refine.ls_wR_factor_R_work                      ? 
_refine.occupancy_max                            ? 
_refine.occupancy_min                            ? 
_refine.solvent_model_details                    ? 
_refine.solvent_model_param_bsol                 ? 
_refine.solvent_model_param_ksol                 ? 
_refine.ls_R_factor_gt                           ? 
_refine.ls_goodness_of_fit_gt                    ? 
_refine.ls_goodness_of_fit_ref                   ? 
_refine.ls_shift_over_su_max                     ? 
_refine.ls_shift_over_su_max_lt                  ? 
_refine.ls_shift_over_su_mean                    ? 
_refine.ls_shift_over_su_mean_lt                 ? 
_refine.pdbx_ls_sigma_I                          ? 
_refine.pdbx_ls_sigma_F                          0.000 
_refine.pdbx_ls_sigma_Fsqd                       ? 
_refine.pdbx_data_cutoff_high_absF               ? 
_refine.pdbx_data_cutoff_high_rms_absF           ? 
_refine.pdbx_data_cutoff_low_absF                ? 
_refine.pdbx_isotropic_thermal_model             ? 
_refine.pdbx_ls_cross_valid_method               THROUGHOUT 
_refine.pdbx_method_to_determine_struct          'MOLECULAR REPLACEMENT' 
_refine.pdbx_starting_model                      'Ideal beta-strand' 
_refine.pdbx_stereochemistry_target_values       ? 
_refine.pdbx_R_Free_selection_details            RANDOM 
_refine.pdbx_stereochem_target_val_spec_case     ? 
_refine.pdbx_overall_ESU_R                       0.1230 
_refine.pdbx_overall_ESU_R_Free                  0.0870 
_refine.pdbx_solvent_vdw_probe_radii             1.2000 
_refine.pdbx_solvent_ion_probe_radii             0.8000 
_refine.pdbx_solvent_shrinkage_radii             0.8000 
_refine.pdbx_real_space_R                        ? 
_refine.pdbx_density_correlation                 ? 
_refine.pdbx_pd_number_of_powder_patterns        ? 
_refine.pdbx_pd_number_of_points                 ? 
_refine.pdbx_pd_meas_number_of_points            ? 
_refine.pdbx_pd_proc_ls_prof_R_factor            ? 
_refine.pdbx_pd_proc_ls_prof_wR_factor           ? 
_refine.pdbx_pd_Marquardt_correlation_coeff      ? 
_refine.pdbx_pd_Fsqrd_R_factor                   ? 
_refine.pdbx_pd_ls_matrix_band_width             ? 
_refine.pdbx_overall_phase_error                 ? 
_refine.pdbx_overall_SU_R_free_Cruickshank_DPI   ? 
_refine.pdbx_overall_SU_R_free_Blow_DPI          ? 
_refine.pdbx_overall_SU_R_Blow_DPI               ? 
_refine.pdbx_TLS_residual_ADP_flag               ? 
_refine.pdbx_diffrn_id                           1 
_refine.overall_SU_B                             1.8960 
_refine.overall_SU_ML                            0.0580 
_refine.overall_SU_R_Cruickshank_DPI             0.1227 
_refine.overall_SU_R_free                        ? 
_refine.overall_FOM_free_R_set                   ? 
_refine.overall_FOM_work_R_set                   ? 
_refine.pdbx_average_fsc_overall                 ? 
_refine.pdbx_average_fsc_work                    ? 
_refine.pdbx_average_fsc_free                    ? 
# 
_refine_hist.cycle_id                         final 
_refine_hist.pdbx_refine_id                   'X-RAY DIFFRACTION' 
_refine_hist.d_res_high                       1.7000 
_refine_hist.d_res_low                        19.9300 
_refine_hist.pdbx_number_atoms_ligand         0 
_refine_hist.number_atoms_solvent             6 
_refine_hist.number_atoms_total               98 
_refine_hist.pdbx_number_residues_total       12 
_refine_hist.pdbx_B_iso_mean_solvent          28.06 
_refine_hist.pdbx_number_atoms_protein        92 
_refine_hist.pdbx_number_atoms_nucleic_acid   0 
# 
loop_
_refine_ls_restr.pdbx_refine_id 
_refine_ls_restr.criterion 
_refine_ls_restr.dev_ideal 
_refine_ls_restr.dev_ideal_target 
_refine_ls_restr.number 
_refine_ls_restr.rejects 
_refine_ls_restr.type 
_refine_ls_restr.weight 
_refine_ls_restr.pdbx_restraint_function 
'X-RAY DIFFRACTION' ? 0.017  0.020  92  ? r_bond_refined_d       ? ? 
'X-RAY DIFFRACTION' ? 0.021  0.020  92  ? r_bond_other_d         ? ? 
'X-RAY DIFFRACTION' ? 1.529  1.929  124 ? r_angle_refined_deg    ? ? 
'X-RAY DIFFRACTION' ? 0.861  3.000  206 ? r_angle_other_deg      ? ? 
'X-RAY DIFFRACTION' ? 2.840  5.000  10  ? r_dihedral_angle_1_deg ? ? 
'X-RAY DIFFRACTION' ? 30.365 25.000 4   ? r_dihedral_angle_2_deg ? ? 
'X-RAY DIFFRACTION' ? 5.056  15.000 12  ? r_dihedral_angle_3_deg ? ? 
'X-RAY DIFFRACTION' ? 0.069  0.200  16  ? r_chiral_restr         ? ? 
'X-RAY DIFFRACTION' ? 0.007  0.020  104 ? r_gen_planes_refined   ? ? 
'X-RAY DIFFRACTION' ? 0.000  0.020  24  ? r_gen_planes_other     ? ? 
# 
_refine_ls_shell.pdbx_refine_id                   'X-RAY DIFFRACTION' 
_refine_ls_shell.d_res_high                       1.7000 
_refine_ls_shell.d_res_low                        1.7440 
_refine_ls_shell.number_reflns_all                61 
_refine_ls_shell.number_reflns_obs                ? 
_refine_ls_shell.number_reflns_R_free             6 
_refine_ls_shell.number_reflns_R_work             55 
_refine_ls_shell.percent_reflns_obs               100.0000 
_refine_ls_shell.percent_reflns_R_free            ? 
_refine_ls_shell.R_factor_all                     ? 
_refine_ls_shell.R_factor_obs                     ? 
_refine_ls_shell.R_factor_R_free                  0.3530 
_refine_ls_shell.R_factor_R_free_error            0.0000 
_refine_ls_shell.R_factor_R_work                  0.1790 
_refine_ls_shell.redundancy_reflns_all            ? 
_refine_ls_shell.redundancy_reflns_obs            ? 
_refine_ls_shell.wR_factor_all                    ? 
_refine_ls_shell.wR_factor_obs                    ? 
_refine_ls_shell.wR_factor_R_free                 ? 
_refine_ls_shell.wR_factor_R_work                 ? 
_refine_ls_shell.pdbx_total_number_of_bins_used   20 
_refine_ls_shell.pdbx_phase_error                 ? 
_refine_ls_shell.pdbx_fsc_work                    ? 
_refine_ls_shell.pdbx_fsc_free                    ? 
# 
_struct.entry_id                     6G8E 
_struct.title                        
'Crystal Structure of the Amyloid-like VTQVGF segment from the R5 repeat of the E. coli Biofilm-associated CsgA Curli protein' 
_struct.pdbx_model_details           Curli 
_struct.pdbx_formula_weight          ? 
_struct.pdbx_formula_weight_method   ? 
_struct.pdbx_model_type_details      ? 
_struct.pdbx_CASP_flag               N 
# 
_struct_keywords.entry_id        6G8E 
_struct_keywords.text            'Bacterial steric-zipper cross-beta amyloid fibril from E. coli, PROTEIN FIBRIL' 
_struct_keywords.pdbx_keywords   'PROTEIN FIBRIL' 
# 
loop_
_struct_asym.id 
_struct_asym.pdbx_blank_PDB_chainid_flag 
_struct_asym.pdbx_modified 
_struct_asym.entity_id 
_struct_asym.details 
A N N 1 ? 
B N N 1 ? 
C N N 2 ? 
D N N 2 ? 
# 
_struct_ref.id                         1 
_struct_ref.db_name                    UNP 
_struct_ref.db_code                    CSGA_ECOLI 
_struct_ref.pdbx_db_accession          P28307 
_struct_ref.pdbx_db_isoform            ? 
_struct_ref.entity_id                  1 
_struct_ref.pdbx_seq_one_letter_code   VTQVGF 
_struct_ref.pdbx_align_begin           137 
# 
loop_
_struct_ref_seq.align_id 
_struct_ref_seq.ref_id 
_struct_ref_seq.pdbx_PDB_id_code 
_struct_ref_seq.pdbx_strand_id 
_struct_ref_seq.seq_align_beg 
_struct_ref_seq.pdbx_seq_align_beg_ins_code 
_struct_ref_seq.seq_align_end 
_struct_ref_seq.pdbx_seq_align_end_ins_code 
_struct_ref_seq.pdbx_db_accession 
_struct_ref_seq.db_align_beg 
_struct_ref_seq.pdbx_db_align_beg_ins_code 
_struct_ref_seq.db_align_end 
_struct_ref_seq.pdbx_db_align_end_ins_code 
_struct_ref_seq.pdbx_auth_seq_align_beg 
_struct_ref_seq.pdbx_auth_seq_align_end 
1 1 6G8E B 1 ? 6 ? P28307 137 ? 142 ? 1 6 
2 1 6G8E A 1 ? 6 ? P28307 137 ? 142 ? 1 6 
# 
_pdbx_struct_assembly.id                   1 
_pdbx_struct_assembly.details              author_defined_assembly 
_pdbx_struct_assembly.method_details       ? 
_pdbx_struct_assembly.oligomeric_details   octadecameric 
_pdbx_struct_assembly.oligomeric_count     18 
# 
loop_
_pdbx_struct_assembly_gen.assembly_id 
_pdbx_struct_assembly_gen.oper_expression 
_pdbx_struct_assembly_gen.asym_id_list 
1 1 A,B,C,D 
1 2 A,B,C,D 
1 3 A,B,C,D 
1 4 A,B,C,D 
1 5 A,B,C,D 
1 6 A,B,C,D 
1 7 A,B,C,D 
1 8 A,B,C,D 
1 9 A,B,C,D 
# 
_pdbx_struct_assembly_auth_evidence.id                     1 
_pdbx_struct_assembly_auth_evidence.assembly_id            1 
_pdbx_struct_assembly_auth_evidence.experimental_support   microscopy 
_pdbx_struct_assembly_auth_evidence.details                'Fibrils are observed by TEM' 
# 
loop_
_pdbx_struct_oper_list.id 
_pdbx_struct_oper_list.type 
_pdbx_struct_oper_list.name 
_pdbx_struct_oper_list.symmetry_operation 
_pdbx_struct_oper_list.matrix[1][1] 
_pdbx_struct_oper_list.matrix[1][2] 
_pdbx_struct_oper_list.matrix[1][3] 
_pdbx_struct_oper_list.vector[1] 
_pdbx_struct_oper_list.matrix[2][1] 
_pdbx_struct_oper_list.matrix[2][2] 
_pdbx_struct_oper_list.matrix[2][3] 
_pdbx_struct_oper_list.vector[2] 
_pdbx_struct_oper_list.matrix[3][1] 
_pdbx_struct_oper_list.matrix[3][2] 
_pdbx_struct_oper_list.matrix[3][3] 
_pdbx_struct_oper_list.vector[3] 
1 'identity operation'         1_555 x,y,z   1.0000000000 0.0000000000 0.0000000000 0.0000000000  0.0000000000 1.0000000000 0.0000000000 0.0000000000   0.0000000000 0.0000000000 1.0000000000 0.0000000000   
2 'crystal symmetry operation' 1_655 x+1,y,z 1.0000000000 0.0000000000 0.0000000000 -0.7428035170 0.0000000000 1.0000000000 0.0000000000 3.0140850443   0.0000000000 0.0000000000 1.0000000000 3.6741848458   
3 'crystal symmetry operation' 1_755 x+2,y,z 1.0000000000 0.0000000000 0.0000000000 -1.4856070341 0.0000000000 1.0000000000 0.0000000000 6.0281700886   0.0000000000 0.0000000000 1.0000000000 7.3483696915   
4 'crystal symmetry operation' 1_855 x+3,y,z 1.0000000000 0.0000000000 0.0000000000 -2.2284105511 0.0000000000 1.0000000000 0.0000000000 9.0422551329   0.0000000000 0.0000000000 1.0000000000 11.0225545373  
5 'crystal symmetry operation' 1_955 x+4,y,z 1.0000000000 0.0000000000 0.0000000000 -2.9712140681 0.0000000000 1.0000000000 0.0000000000 12.0563401772  0.0000000000 0.0000000000 1.0000000000 14.6967393830  
6 'crystal symmetry operation' 1_455 x-1,y,z 1.0000000000 0.0000000000 0.0000000000 0.7428035170  0.0000000000 1.0000000000 0.0000000000 -3.0140850443  0.0000000000 0.0000000000 1.0000000000 -3.6741848458  
7 'crystal symmetry operation' 1_355 x-2,y,z 1.0000000000 0.0000000000 0.0000000000 1.4856070341  0.0000000000 1.0000000000 0.0000000000 -6.0281700886  0.0000000000 0.0000000000 1.0000000000 -7.3483696915  
8 'crystal symmetry operation' 1_255 x-3,y,z 1.0000000000 0.0000000000 0.0000000000 2.2284105511  0.0000000000 1.0000000000 0.0000000000 -9.0422551329  0.0000000000 0.0000000000 1.0000000000 -11.0225545373 
9 'crystal symmetry operation' 1_155 x-4,y,z 1.0000000000 0.0000000000 0.0000000000 2.9712140681  0.0000000000 1.0000000000 0.0000000000 -12.0563401772 0.0000000000 0.0000000000 1.0000000000 -14.6967393830 
# 
_pdbx_validate_symm_contact.id                1 
_pdbx_validate_symm_contact.PDB_model_num     1 
_pdbx_validate_symm_contact.auth_atom_id_1    O 
_pdbx_validate_symm_contact.auth_asym_id_1    B 
_pdbx_validate_symm_contact.auth_comp_id_1    HOH 
_pdbx_validate_symm_contact.auth_seq_id_1     103 
_pdbx_validate_symm_contact.PDB_ins_code_1    ? 
_pdbx_validate_symm_contact.label_alt_id_1    ? 
_pdbx_validate_symm_contact.site_symmetry_1   1_555 
_pdbx_validate_symm_contact.auth_atom_id_2    O 
_pdbx_validate_symm_contact.auth_asym_id_2    A 
_pdbx_validate_symm_contact.auth_comp_id_2    HOH 
_pdbx_validate_symm_contact.auth_seq_id_2     103 
_pdbx_validate_symm_contact.PDB_ins_code_2    ? 
_pdbx_validate_symm_contact.label_alt_id_2    ? 
_pdbx_validate_symm_contact.site_symmetry_2   1_664 
_pdbx_validate_symm_contact.dist              2.19 
# 
_pdbx_phasing_MR.entry_id                     6G8E 
_pdbx_phasing_MR.method_rotation              ? 
_pdbx_phasing_MR.method_translation           ? 
_pdbx_phasing_MR.model_details                'Phaser MODE: MR_AUTO' 
_pdbx_phasing_MR.R_factor                     ? 
_pdbx_phasing_MR.R_rigid_body                 ? 
_pdbx_phasing_MR.correlation_coeff_Fo_to_Fc   ? 
_pdbx_phasing_MR.correlation_coeff_Io_to_Ic   ? 
_pdbx_phasing_MR.d_res_high_rotation          1.700 
_pdbx_phasing_MR.d_res_low_rotation           19.930 
_pdbx_phasing_MR.d_res_high_translation       1.700 
_pdbx_phasing_MR.d_res_low_translation        19.930 
_pdbx_phasing_MR.packing                      0.000 
_pdbx_phasing_MR.reflns_percent_rotation      ? 
_pdbx_phasing_MR.reflns_percent_translation   ? 
_pdbx_phasing_MR.sigma_F_rotation             ? 
_pdbx_phasing_MR.sigma_F_translation          ? 
_pdbx_phasing_MR.sigma_I_rotation             ? 
_pdbx_phasing_MR.sigma_I_translation          ? 
# 
_phasing.method   MR 
# 
loop_
_chem_comp_atom.comp_id 
_chem_comp_atom.atom_id 
_chem_comp_atom.type_symbol 
_chem_comp_atom.pdbx_aromatic_flag 
_chem_comp_atom.pdbx_stereo_config 
_chem_comp_atom.pdbx_ordinal 
GLN N    N N N 1  
GLN CA   C N S 2  
GLN C    C N N 3  
GLN O    O N N 4  
GLN CB   C N N 5  
GLN CG   C N N 6  
GLN CD   C N N 7  
GLN OE1  O N N 8  
GLN NE2  N N N 9  
GLN OXT  O N N 10 
GLN H    H N N 11 
GLN H2   H N N 12 
GLN HA   H N N 13 
GLN HB2  H N N 14 
GLN HB3  H N N 15 
GLN HG2  H N N 16 
GLN HG3  H N N 17 
GLN HE21 H N N 18 
GLN HE22 H N N 19 
GLN HXT  H N N 20 
GLY N    N N N 21 
GLY CA   C N N 22 
GLY C    C N N 23 
GLY O    O N N 24 
GLY OXT  O N N 25 
GLY H    H N N 26 
GLY H2   H N N 27 
GLY HA2  H N N 28 
GLY HA3  H N N 29 
GLY HXT  H N N 30 
HOH O    O N N 31 
HOH H1   H N N 32 
HOH H2   H N N 33 
PHE N    N N N 34 
PHE CA   C N S 35 
PHE C    C N N 36 
PHE O    O N N 37 
PHE CB   C N N 38 
PHE CG   C Y N 39 
PHE CD1  C Y N 40 
PHE CD2  C Y N 41 
PHE CE1  C Y N 42 
PHE CE2  C Y N 43 
PHE CZ   C Y N 44 
PHE OXT  O N N 45 
PHE H    H N N 46 
PHE H2   H N N 47 
PHE HA   H N N 48 
PHE HB2  H N N 49 
PHE HB3  H N N 50 
PHE HD1  H N N 51 
PHE HD2  H N N 52 
PHE HE1  H N N 53 
PHE HE2  H N N 54 
PHE HZ   H N N 55 
PHE HXT  H N N 56 
THR N    N N N 57 
THR CA   C N S 58 
THR C    C N N 59 
THR O    O N N 60 
THR CB   C N R 61 
THR OG1  O N N 62 
THR CG2  C N N 63 
THR OXT  O N N 64 
THR H    H N N 65 
THR H2   H N N 66 
THR HA   H N N 67 
THR HB   H N N 68 
THR HG1  H N N 69 
THR HG21 H N N 70 
THR HG22 H N N 71 
THR HG23 H N N 72 
THR HXT  H N N 73 
VAL N    N N N 74 
VAL CA   C N S 75 
VAL C    C N N 76 
VAL O    O N N 77 
VAL CB   C N N 78 
VAL CG1  C N N 79 
VAL CG2  C N N 80 
VAL OXT  O N N 81 
VAL H    H N N 82 
VAL H2   H N N 83 
VAL HA   H N N 84 
VAL HB   H N N 85 
VAL HG11 H N N 86 
VAL HG12 H N N 87 
VAL HG13 H N N 88 
VAL HG21 H N N 89 
VAL HG22 H N N 90 
VAL HG23 H N N 91 
VAL HXT  H N N 92 
# 
loop_
_chem_comp_bond.comp_id 
_chem_comp_bond.atom_id_1 
_chem_comp_bond.atom_id_2 
_chem_comp_bond.value_order 
_chem_comp_bond.pdbx_aromatic_flag 
_chem_comp_bond.pdbx_stereo_config 
_chem_comp_bond.pdbx_ordinal 
GLN N   CA   sing N N 1  
GLN N   H    sing N N 2  
GLN N   H2   sing N N 3  
GLN CA  C    sing N N 4  
GLN CA  CB   sing N N 5  
GLN CA  HA   sing N N 6  
GLN C   O    doub N N 7  
GLN C   OXT  sing N N 8  
GLN CB  CG   sing N N 9  
GLN CB  HB2  sing N N 10 
GLN CB  HB3  sing N N 11 
GLN CG  CD   sing N N 12 
GLN CG  HG2  sing N N 13 
GLN CG  HG3  sing N N 14 
GLN CD  OE1  doub N N 15 
GLN CD  NE2  sing N N 16 
GLN NE2 HE21 sing N N 17 
GLN NE2 HE22 sing N N 18 
GLN OXT HXT  sing N N 19 
GLY N   CA   sing N N 20 
GLY N   H    sing N N 21 
GLY N   H2   sing N N 22 
GLY CA  C    sing N N 23 
GLY CA  HA2  sing N N 24 
GLY CA  HA3  sing N N 25 
GLY C   O    doub N N 26 
GLY C   OXT  sing N N 27 
GLY OXT HXT  sing N N 28 
HOH O   H1   sing N N 29 
HOH O   H2   sing N N 30 
PHE N   CA   sing N N 31 
PHE N   H    sing N N 32 
PHE N   H2   sing N N 33 
PHE CA  C    sing N N 34 
PHE CA  CB   sing N N 35 
PHE CA  HA   sing N N 36 
PHE C   O    doub N N 37 
PHE C   OXT  sing N N 38 
PHE CB  CG   sing N N 39 
PHE CB  HB2  sing N N 40 
PHE CB  HB3  sing N N 41 
PHE CG  CD1  doub Y N 42 
PHE CG  CD2  sing Y N 43 
PHE CD1 CE1  sing Y N 44 
PHE CD1 HD1  sing N N 45 
PHE CD2 CE2  doub Y N 46 
PHE CD2 HD2  sing N N 47 
PHE CE1 CZ   doub Y N 48 
PHE CE1 HE1  sing N N 49 
PHE CE2 CZ   sing Y N 50 
PHE CE2 HE2  sing N N 51 
PHE CZ  HZ   sing N N 52 
PHE OXT HXT  sing N N 53 
THR N   CA   sing N N 54 
THR N   H    sing N N 55 
THR N   H2   sing N N 56 
THR CA  C    sing N N 57 
THR CA  CB   sing N N 58 
THR CA  HA   sing N N 59 
THR C   O    doub N N 60 
THR C   OXT  sing N N 61 
THR CB  OG1  sing N N 62 
THR CB  CG2  sing N N 63 
THR CB  HB   sing N N 64 
THR OG1 HG1  sing N N 65 
THR CG2 HG21 sing N N 66 
THR CG2 HG22 sing N N 67 
THR CG2 HG23 sing N N 68 
THR OXT HXT  sing N N 69 
VAL N   CA   sing N N 70 
VAL N   H    sing N N 71 
VAL N   H2   sing N N 72 
VAL CA  C    sing N N 73 
VAL CA  CB   sing N N 74 
VAL CA  HA   sing N N 75 
VAL C   O    doub N N 76 
VAL C   OXT  sing N N 77 
VAL CB  CG1  sing N N 78 
VAL CB  CG2  sing N N 79 
VAL CB  HB   sing N N 80 
VAL CG1 HG11 sing N N 81 
VAL CG1 HG12 sing N N 82 
VAL CG1 HG13 sing N N 83 
VAL CG2 HG21 sing N N 84 
VAL CG2 HG22 sing N N 85 
VAL CG2 HG23 sing N N 86 
VAL OXT HXT  sing N N 87 
# 
_pdbx_initial_refinement_model.accession_code   ? 
_pdbx_initial_refinement_model.id               1 
_pdbx_initial_refinement_model.entity_id_list   ? 
_pdbx_initial_refinement_model.type             'in silico model' 
_pdbx_initial_refinement_model.source_name      Other 
_pdbx_initial_refinement_model.details          'Ideal beta-strand' 
# 
_atom_sites.entry_id                    6G8E 
_atom_sites.fract_transf_matrix[1][1]   -0.03094648 
_atom_sites.fract_transf_matrix[1][2]   0.15241088 
_atom_sites.fract_transf_matrix[1][3]   0.14088363 
_atom_sites.fract_transf_matrix[2][1]   -0.04640888 
_atom_sites.fract_transf_matrix[2][2]   -0.02938155 
_atom_sites.fract_transf_matrix[2][3]   0.01472049 
_atom_sites.fract_transf_matrix[3][1]   0.04203533 
_atom_sites.fract_transf_matrix[3][2]   -0.01638426 
_atom_sites.fract_transf_matrix[3][3]   0.02193889 
_atom_sites.fract_transf_vector[1]      -0.718411 
_atom_sites.fract_transf_vector[2]      -0.259244 
_atom_sites.fract_transf_vector[3]      -0.253109 
# 
loop_
_atom_type.symbol 
C 
N 
O 
# 
loop_
_atom_site.group_PDB 
_atom_site.id 
_atom_site.type_symbol 
_atom_site.label_atom_id 
_atom_site.label_alt_id 
_atom_site.label_comp_id 
_atom_site.label_asym_id 
_atom_site.label_entity_id 
_atom_site.label_seq_id 
_atom_site.pdbx_PDB_ins_code 
_atom_site.Cartn_x 
_atom_site.Cartn_y 
_atom_site.Cartn_z 
_atom_site.occupancy 
_atom_site.B_iso_or_equiv 
_atom_site.pdbx_formal_charge 
_atom_site.auth_seq_id 
_atom_site.auth_comp_id 
_atom_site.auth_asym_id 
_atom_site.auth_atom_id 
_atom_site.pdbx_PDB_model_num 
ATOM   1  N N   . VAL A 1 1 ? -8.039  3.790   -3.337  1.00 11.18 ? 1   VAL B N   1 
ATOM   2  C CA  . VAL A 1 1 ? -6.700  3.266   -2.923  1.00 11.41 ? 1   VAL B CA  1 
ATOM   3  C C   . VAL A 1 1 ? -6.780  2.677   -1.493  1.00 10.01 ? 1   VAL B C   1 
ATOM   4  O O   . VAL A 1 1 ? -7.090  3.400   -0.540  1.00 10.11 ? 1   VAL B O   1 
ATOM   5  C CB  . VAL A 1 1 ? -5.597  4.355   -2.960  1.00 11.59 ? 1   VAL B CB  1 
ATOM   6  C CG1 . VAL A 1 1 ? -4.256  3.726   -2.645  1.00 12.16 ? 1   VAL B CG1 1 
ATOM   7  C CG2 . VAL A 1 1 ? -5.541  5.034   -4.298  1.00 13.57 ? 1   VAL B CG2 1 
ATOM   8  N N   . THR A 1 2 ? -6.555  1.349   -1.395  1.00 9.20  ? 2   THR B N   1 
ATOM   9  C CA  . THR A 1 2 ? -6.533  0.625   -0.173  1.00 8.28  ? 2   THR B CA  1 
ATOM   10 C C   . THR A 1 2 ? -5.201  -0.088  -0.152  1.00 7.45  ? 2   THR B C   1 
ATOM   11 O O   . THR A 1 2 ? -4.848  -0.790  -1.077  1.00 7.06  ? 2   THR B O   1 
ATOM   12 C CB  . THR A 1 2 ? -7.691  -0.410  -0.092  1.00 8.83  ? 2   THR B CB  1 
ATOM   13 O OG1 . THR A 1 2 ? -8.931  0.272   -0.187  1.00 9.37  ? 2   THR B OG1 1 
ATOM   14 C CG2 . THR A 1 2 ? -7.677  -1.168  1.208   1.00 9.04  ? 2   THR B CG2 1 
ATOM   15 N N   . GLN A 1 3 ? -4.497  0.105   0.942   1.00 6.86  ? 3   GLN B N   1 
ATOM   16 C CA  . GLN A 1 3 ? -3.201  -0.453  1.184   1.00 6.51  ? 3   GLN B CA  1 
ATOM   17 C C   . GLN A 1 3 ? -3.162  -1.167  2.520   1.00 6.67  ? 3   GLN B C   1 
ATOM   18 O O   . GLN A 1 3 ? -3.411  -0.571  3.563   1.00 6.37  ? 3   GLN B O   1 
ATOM   19 C CB  . GLN A 1 3 ? -2.175  0.659   1.134   1.00 6.60  ? 3   GLN B CB  1 
ATOM   20 C CG  . GLN A 1 3 ? -2.125  1.380   -0.188  1.00 6.84  ? 3   GLN B CG  1 
ATOM   21 C CD  . GLN A 1 3 ? -1.165  2.581   -0.232  1.00 6.89  ? 3   GLN B CD  1 
ATOM   22 O OE1 . GLN A 1 3 ? -1.136  3.442   0.689   1.00 7.33  ? 3   GLN B OE1 1 
ATOM   23 N NE2 . GLN A 1 3 ? -0.440  2.694   -1.330  1.00 6.57  ? 3   GLN B NE2 1 
ATOM   24 N N   . VAL A 1 4 ? -2.796  -2.452  2.501   1.00 6.51  ? 4   VAL B N   1 
ATOM   25 C CA  . VAL A 1 4 ? -2.642  -3.209  3.712   1.00 7.06  ? 4   VAL B CA  1 
ATOM   26 C C   . VAL A 1 4 ? -1.277  -3.831  3.724   1.00 6.94  ? 4   VAL B C   1 
ATOM   27 O O   . VAL A 1 4 ? -0.946  -4.578  2.784   1.00 6.38  ? 4   VAL B O   1 
ATOM   28 C CB  . VAL A 1 4 ? -3.761  -4.296  3.886   1.00 7.32  ? 4   VAL B CB  1 
ATOM   29 C CG1 . VAL A 1 4 ? -3.453  -5.203  5.062   1.00 7.55  ? 4   VAL B CG1 1 
ATOM   30 C CG2 . VAL A 1 4 ? -5.151  -3.656  4.030   1.00 7.47  ? 4   VAL B CG2 1 
ATOM   31 N N   . GLY A 1 5 ? -0.473  -3.493  4.752   1.00 6.84  ? 5   GLY B N   1 
ATOM   32 C CA  . GLY A 1 5 ? 0.888   -4.033  4.810   1.00 7.30  ? 5   GLY B CA  1 
ATOM   33 C C   . GLY A 1 5 ? 1.259   -4.494  6.160   1.00 8.50  ? 5   GLY B C   1 
ATOM   34 O O   . GLY A 1 5 ? 1.072   -3.774  7.110   1.00 9.22  ? 5   GLY B O   1 
ATOM   35 N N   . PHE A 1 6 ? 1.828   -5.690  6.269   1.00 9.30  ? 6   PHE B N   1 
ATOM   36 C CA  . PHE A 1 6 ? 2.217   -6.216  7.617   1.00 10.09 ? 6   PHE B CA  1 
ATOM   37 C C   . PHE A 1 6 ? 3.314   -7.269  7.516   1.00 11.57 ? 6   PHE B C   1 
ATOM   38 O O   . PHE A 1 6 ? 3.771   -7.522  6.408   1.00 11.69 ? 6   PHE B O   1 
ATOM   39 C CB  . PHE A 1 6 ? 1.001   -6.753  8.380   1.00 9.74  ? 6   PHE B CB  1 
ATOM   40 C CG  . PHE A 1 6 ? 0.207   -7.817  7.660   1.00 10.05 ? 6   PHE B CG  1 
ATOM   41 C CD1 . PHE A 1 6 ? -0.793  -7.486  6.735   1.00 10.12 ? 6   PHE B CD1 1 
ATOM   42 C CD2 . PHE A 1 6 ? 0.438   -9.164  7.907   1.00 10.22 ? 6   PHE B CD2 1 
ATOM   43 C CE1 . PHE A 1 6 ? -1.541  -8.475  6.087   1.00 10.32 ? 6   PHE B CE1 1 
ATOM   44 C CE2 . PHE A 1 6 ? -0.317  -10.163 7.251   1.00 10.13 ? 6   PHE B CE2 1 
ATOM   45 C CZ  . PHE A 1 6 ? -1.310  -9.823  6.343   1.00 10.19 ? 6   PHE B CZ  1 
ATOM   46 O OXT . PHE A 1 6 ? 3.772   -7.835  8.524   1.00 12.36 ? 6   PHE B OXT 1 
ATOM   47 N N   . VAL B 1 1 ? 7.895   -3.955  3.300   1.00 10.43 ? 1   VAL A N   1 
ATOM   48 C CA  . VAL B 1 1 ? 6.717   -3.749  2.430   1.00 10.55 ? 1   VAL A CA  1 
ATOM   49 C C   . VAL B 1 1 ? 6.630   -2.251  2.108   1.00 9.45  ? 1   VAL A C   1 
ATOM   50 O O   . VAL B 1 1 ? 6.613   -1.419  3.034   1.00 9.37  ? 1   VAL A O   1 
ATOM   51 C CB  . VAL B 1 1 ? 5.417   -4.221  3.098   1.00 11.12 ? 1   VAL A CB  1 
ATOM   52 C CG1 . VAL B 1 1 ? 4.238   -3.999  2.157   1.00 11.98 ? 1   VAL A CG1 1 
ATOM   53 C CG2 . VAL B 1 1 ? 5.499   -5.680  3.507   1.00 11.84 ? 1   VAL A CG2 1 
ATOM   54 N N   . THR B 1 2 ? 6.661   -1.911  0.811   1.00 8.61  ? 2   THR A N   1 
ATOM   55 C CA  . THR B 1 2 ? 6.541   -0.529  0.337   1.00 8.32  ? 2   THR A CA  1 
ATOM   56 C C   . THR B 1 2 ? 5.442   -0.525  -0.700  1.00 7.64  ? 2   THR A C   1 
ATOM   57 O O   . THR B 1 2 ? 5.446   -1.336  -1.627  1.00 6.87  ? 2   THR A O   1 
ATOM   58 C CB  . THR B 1 2 ? 7.858   0.004   -0.269  1.00 9.00  ? 2   THR A CB  1 
ATOM   59 O OG1 . THR B 1 2 ? 8.893   -0.022  0.704   1.00 10.07 ? 2   THR A OG1 1 
ATOM   60 C CG2 . THR B 1 2 ? 7.694   1.436   -0.747  1.00 9.26  ? 2   THR A CG2 1 
ATOM   61 N N   . GLN B 1 3 ? 4.477   0.350   -0.479  1.00 7.11  ? 3   GLN A N   1 
ATOM   62 C CA  . GLN B 1 3 ? 3.295   0.428   -1.322  1.00 7.16  ? 3   GLN A CA  1 
ATOM   63 C C   . GLN B 1 3 ? 3.037   1.855   -1.744  1.00 7.32  ? 3   GLN A C   1 
ATOM   64 O O   . GLN B 1 3 ? 2.917   2.748   -0.901  1.00 7.19  ? 3   GLN A O   1 
ATOM   65 C CB  . GLN B 1 3 ? 2.054   -0.156  -0.596  1.00 6.88  ? 3   GLN A CB  1 
ATOM   66 C CG  . GLN B 1 3 ? 2.206   -1.620  -0.164  1.00 7.22  ? 3   GLN A CG  1 
ATOM   67 C CD  . GLN B 1 3 ? 1.132   -2.115  0.794   1.00 7.15  ? 3   GLN A CD  1 
ATOM   68 O OE1 . GLN B 1 3 ? 0.750   -1.418  1.790   1.00 7.54  ? 3   GLN A OE1 1 
ATOM   69 N NE2 . GLN B 1 3 ? 0.654   -3.311  0.540   1.00 6.85  ? 3   GLN A NE2 1 
ATOM   70 N N   . VAL B 1 4 ? 2.909   2.068   -3.057  1.00 7.11  ? 4   VAL A N   1 
ATOM   71 C CA  . VAL B 1 4 ? 2.596   3.381   -3.566  1.00 7.55  ? 4   VAL A CA  1 
ATOM   72 C C   . VAL B 1 4 ? 1.457   3.253   -4.528  1.00 7.40  ? 4   VAL A C   1 
ATOM   73 O O   . VAL B 1 4 ? 1.560   2.481   -5.480  1.00 6.96  ? 4   VAL A O   1 
ATOM   74 C CB  . VAL B 1 4 ? 3.812   4.096   -4.259  1.00 8.03  ? 4   VAL A CB  1 
ATOM   75 C CG1 . VAL B 1 4 ? 3.407   5.483   -4.731  1.00 8.36  ? 4   VAL A CG1 1 
ATOM   76 C CG2 . VAL B 1 4 ? 5.060   4.164   -3.349  1.00 8.31  ? 4   VAL A CG2 1 
ATOM   77 N N   . GLY B 1 5 ? 0.358   3.974   -4.253  1.00 7.19  ? 5   GLY A N   1 
ATOM   78 C CA  . GLY B 1 5 ? -0.822  3.820   -5.087  1.00 7.49  ? 5   GLY A CA  1 
ATOM   79 C C   . GLY B 1 5 ? -1.418  5.149   -5.397  1.00 8.45  ? 5   GLY A C   1 
ATOM   80 O O   . GLY B 1 5 ? -1.615  5.968   -4.488  1.00 8.25  ? 5   GLY A O   1 
ATOM   81 N N   . PHE B 1 6 ? -1.768  5.370   -6.669  1.00 8.99  ? 6   PHE A N   1 
ATOM   82 C CA  . PHE B 1 6 ? -2.354  6.667   -7.019  1.00 10.13 ? 6   PHE A CA  1 
ATOM   83 C C   . PHE B 1 6 ? -3.241  6.614   -8.262  1.00 10.94 ? 6   PHE A C   1 
ATOM   84 O O   . PHE B 1 6 ? -3.525  5.478   -8.710  1.00 11.63 ? 6   PHE A O   1 
ATOM   85 C CB  . PHE B 1 6 ? -1.275  7.789   -7.068  1.00 9.87  ? 6   PHE A CB  1 
ATOM   86 C CG  . PHE B 1 6 ? -0.132  7.525   -8.006  1.00 10.16 ? 6   PHE A CG  1 
ATOM   87 C CD1 . PHE B 1 6 ? 0.973   6.749   -7.615  1.00 10.32 ? 6   PHE A CD1 1 
ATOM   88 C CD2 . PHE B 1 6 ? -0.143  8.049   -9.300  1.00 10.17 ? 6   PHE A CD2 1 
ATOM   89 C CE1 . PHE B 1 6 ? 2.017   6.513   -8.496  1.00 10.42 ? 6   PHE A CE1 1 
ATOM   90 C CE2 . PHE B 1 6 ? 0.918   7.824   -10.155 1.00 10.14 ? 6   PHE A CE2 1 
ATOM   91 C CZ  . PHE B 1 6 ? 1.984   7.047   -9.771  1.00 10.24 ? 6   PHE A CZ  1 
ATOM   92 O OXT . PHE B 1 6 ? -3.737  7.671   -8.737  1.00 11.23 ? 6   PHE A OXT 1 
HETATM 93 O O   . HOH C 2 . ? -9.864  1.937   -2.498  1.00 15.96 ? 101 HOH B O   1 
HETATM 94 O O   . HOH C 2 . ? -11.477 -1.002  0.274   1.00 31.29 ? 102 HOH B O   1 
HETATM 95 O O   . HOH C 2 . ? -11.035 0.953   1.929   1.00 21.67 ? 103 HOH B O   1 
HETATM 96 O O   . HOH D 2 . ? -5.749  5.190   -7.388  1.00 45.21 ? 101 HOH A O   1 
HETATM 97 O O   . HOH D 2 . ? 10.016  2.031   2.084   1.00 37.10 ? 102 HOH A O   1 
HETATM 98 O O   . HOH D 2 . ? 9.990   -2.223  1.971   1.00 17.15 ? 103 HOH A O   1 
# 
